data_7ES0
#
_entry.id   7ES0
#
_cell.length_a   57.561
_cell.length_b   83.082
_cell.length_c   87.946
_cell.angle_alpha   90.000
_cell.angle_beta   90.000
_cell.angle_gamma   90.000
#
_symmetry.space_group_name_H-M   'P 21 21 21'
#
loop_
_entity.id
_entity.type
_entity.pdbx_description
1 polymer Glycosyltransferase
2 non-polymer 'Rebaudioside A2'
3 non-polymer "URIDINE-5'-DIPHOSPHATE"
4 non-polymer '3[N-MORPHOLINO]PROPANE SULFONIC ACID'
5 non-polymer GLYCEROL
6 non-polymer 1,2-ETHANEDIOL
7 water water
#
_entity_poly.entity_id   1
_entity_poly.type   'polypeptide(L)'
_entity_poly.pdbx_seq_one_letter_code
;MDSGYSSSYAAAAGMHVVICPWLAFGHLLPCLDLAQRLASRGHRVSFVSTPRNISRLPPVRPALAPLVAFVALPLPRVEG
LPDGAESTNDVPHDRPDMVELHRRAFDGLAAPFSEFLGTACADWVIVDVFHHWAAAAALEHKVPCAMMLLGSAHMIASIA
DRRLERAETESPAAAGQGRPAAAPTFEVARMKLIRTKGSSGMSLAERFSLTLSRSSLVVGRSCVEFEPETVPLLSTLRGK
PITFLGLMPPLHEGRREDGEDATVRWLDAQPAKSVVYVALGSEVPLGVEKVHELALGLELAGTRFLWALRKPTGVSDADL
LPAGFEERTRGRGVVATRWVPQMSILAHAAVGAFLTHCGWNSTIEGLMFGHPLIMLPIFGDQGPNARLIEAKNAGLQVAR
NDGDGSFDREGVAAAIRAVAVEEESSKVFQAKAKKLQEIVADMACHERYIDGFIQQLRSYKDLEHHHHHH
;
_entity_poly.pdbx_strand_id   A
#
loop_
_chem_comp.id
_chem_comp.type
_chem_comp.name
_chem_comp.formula
3E6 non-polymer 'Rebaudioside A2' 'C44 H70 O23'
EDO non-polymer 1,2-ETHANEDIOL 'C2 H6 O2'
GOL non-polymer GLYCEROL 'C3 H8 O3'
MPO non-polymer '3[N-MORPHOLINO]PROPANE SULFONIC ACID' 'C7 H15 N O4 S'
UDP RNA linking URIDINE-5'-DIPHOSPHATE 'C9 H14 N2 O12 P2'
#
# COMPACT_ATOMS: atom_id res chain seq x y z
N MET A 15 -24.48 11.49 3.02
CA MET A 15 -23.42 12.52 3.20
C MET A 15 -22.65 12.68 1.88
N HIS A 16 -22.10 13.87 1.66
CA HIS A 16 -21.08 14.15 0.62
C HIS A 16 -19.70 14.13 1.28
N VAL A 17 -18.89 13.12 0.96
CA VAL A 17 -17.51 12.98 1.50
C VAL A 17 -16.52 13.34 0.40
N VAL A 18 -15.62 14.28 0.70
CA VAL A 18 -14.48 14.65 -0.18
C VAL A 18 -13.26 13.89 0.32
N ILE A 19 -12.65 13.08 -0.54
N ILE A 19 -12.66 13.06 -0.55
CA ILE A 19 -11.46 12.25 -0.17
CA ILE A 19 -11.47 12.24 -0.21
C ILE A 19 -10.26 12.70 -0.99
C ILE A 19 -10.27 12.77 -1.01
N CYS A 20 -9.15 12.99 -0.32
CA CYS A 20 -7.90 13.57 -0.91
C CYS A 20 -6.75 12.62 -0.63
N PRO A 21 -6.53 11.61 -1.49
CA PRO A 21 -5.42 10.68 -1.30
C PRO A 21 -4.06 11.33 -1.55
N TRP A 22 -3.04 10.85 -0.85
CA TRP A 22 -1.64 11.18 -1.17
C TRP A 22 -1.35 10.66 -2.59
N LEU A 23 -0.44 11.31 -3.32
CA LEU A 23 -0.15 11.02 -4.75
C LEU A 23 0.78 9.81 -4.83
N ALA A 24 0.22 8.65 -4.53
CA ALA A 24 0.95 7.39 -4.34
C ALA A 24 -0.05 6.25 -4.46
N PHE A 25 0.27 5.20 -5.21
CA PHE A 25 -0.72 4.14 -5.51
C PHE A 25 -1.11 3.34 -4.26
N GLY A 26 -0.24 3.26 -3.25
CA GLY A 26 -0.58 2.64 -1.95
C GLY A 26 -1.60 3.46 -1.18
N HIS A 27 -1.89 4.67 -1.63
CA HIS A 27 -2.89 5.58 -1.02
C HIS A 27 -4.08 5.70 -1.96
N LEU A 28 -3.83 5.92 -3.25
CA LEU A 28 -4.89 6.08 -4.26
C LEU A 28 -5.77 4.82 -4.28
N LEU A 29 -5.19 3.63 -4.26
CA LEU A 29 -6.01 2.39 -4.44
C LEU A 29 -6.96 2.19 -3.26
N PRO A 30 -6.52 2.16 -1.98
CA PRO A 30 -7.48 1.98 -0.89
C PRO A 30 -8.46 3.15 -0.81
N CYS A 31 -8.06 4.36 -1.19
CA CYS A 31 -8.99 5.53 -1.19
C CYS A 31 -10.09 5.30 -2.23
N LEU A 32 -9.76 4.72 -3.38
CA LEU A 32 -10.79 4.43 -4.41
C LEU A 32 -11.72 3.34 -3.86
N ASP A 33 -11.18 2.33 -3.17
CA ASP A 33 -12.05 1.28 -2.57
C ASP A 33 -12.94 1.93 -1.52
N LEU A 34 -12.39 2.80 -0.67
CA LEU A 34 -13.20 3.44 0.39
C LEU A 34 -14.29 4.29 -0.26
N ALA A 35 -13.96 5.02 -1.33
CA ALA A 35 -14.96 5.85 -2.05
C ALA A 35 -16.13 4.97 -2.49
N GLN A 36 -15.84 3.79 -3.02
CA GLN A 36 -16.91 2.89 -3.54
C GLN A 36 -17.67 2.24 -2.39
N ARG A 37 -17.02 1.93 -1.28
CA ARG A 37 -17.73 1.42 -0.09
C ARG A 37 -18.71 2.50 0.41
N LEU A 38 -18.29 3.77 0.43
CA LEU A 38 -19.18 4.87 0.87
C LEU A 38 -20.34 5.03 -0.13
N ALA A 39 -20.06 5.06 -1.43
CA ALA A 39 -21.10 5.25 -2.47
C ALA A 39 -22.08 4.08 -2.43
N SER A 40 -21.62 2.88 -2.10
CA SER A 40 -22.44 1.65 -2.00
C SER A 40 -23.48 1.81 -0.88
N ARG A 41 -23.19 2.60 0.15
CA ARG A 41 -24.10 2.84 1.31
C ARG A 41 -24.88 4.14 1.10
N GLY A 42 -24.85 4.69 -0.12
CA GLY A 42 -25.72 5.81 -0.53
C GLY A 42 -25.11 7.17 -0.27
N HIS A 43 -23.81 7.24 0.03
CA HIS A 43 -23.11 8.52 0.16
C HIS A 43 -22.60 8.95 -1.22
N ARG A 44 -22.41 10.26 -1.39
N ARG A 44 -22.40 10.25 -1.40
CA ARG A 44 -21.77 10.89 -2.57
CA ARG A 44 -21.77 10.85 -2.60
C ARG A 44 -20.29 11.10 -2.22
C ARG A 44 -20.30 11.13 -2.25
N VAL A 45 -19.38 10.79 -3.14
CA VAL A 45 -17.93 10.98 -2.91
C VAL A 45 -17.37 11.85 -4.02
N SER A 46 -16.58 12.86 -3.64
CA SER A 46 -15.65 13.59 -4.52
C SER A 46 -14.25 13.07 -4.25
N PHE A 47 -13.67 12.39 -5.23
CA PHE A 47 -12.29 11.85 -5.20
C PHE A 47 -11.39 12.90 -5.86
N VAL A 48 -10.62 13.60 -5.04
CA VAL A 48 -9.80 14.75 -5.48
C VAL A 48 -8.36 14.28 -5.68
N SER A 49 -7.86 14.39 -6.90
CA SER A 49 -6.45 14.08 -7.20
C SER A 49 -6.04 14.75 -8.50
N THR A 50 -4.91 14.31 -9.04
CA THR A 50 -4.28 14.90 -10.24
C THR A 50 -4.66 14.02 -11.44
N PRO A 51 -4.73 14.60 -12.65
CA PRO A 51 -5.37 13.91 -13.78
C PRO A 51 -4.71 12.60 -14.23
N ARG A 52 -3.39 12.54 -14.32
CA ARG A 52 -2.72 11.29 -14.78
C ARG A 52 -2.95 10.21 -13.72
N ASN A 53 -2.86 10.55 -12.44
CA ASN A 53 -3.13 9.57 -11.35
C ASN A 53 -4.56 9.04 -11.51
N ILE A 54 -5.54 9.91 -11.71
CA ILE A 54 -6.95 9.47 -11.85
C ILE A 54 -7.06 8.56 -13.08
N SER A 55 -6.39 8.89 -14.18
CA SER A 55 -6.49 8.14 -15.46
C SER A 55 -5.96 6.71 -15.28
N ARG A 56 -5.08 6.50 -14.29
CA ARG A 56 -4.41 5.18 -14.06
C ARG A 56 -5.19 4.32 -13.06
N LEU A 57 -6.31 4.81 -12.53
CA LEU A 57 -7.09 4.05 -11.52
C LEU A 57 -7.97 3.00 -12.20
N PRO A 58 -8.26 1.88 -11.51
CA PRO A 58 -9.26 0.92 -11.95
C PRO A 58 -10.59 1.63 -12.09
N PRO A 59 -11.46 1.19 -13.03
CA PRO A 59 -12.75 1.84 -13.21
C PRO A 59 -13.66 1.60 -11.99
N VAL A 60 -14.42 2.63 -11.59
N VAL A 60 -14.42 2.63 -11.63
CA VAL A 60 -15.50 2.47 -10.57
CA VAL A 60 -15.55 2.56 -10.65
C VAL A 60 -16.59 1.60 -11.20
C VAL A 60 -16.61 1.60 -11.22
N ARG A 61 -17.28 0.81 -10.35
CA ARG A 61 -18.42 -0.04 -10.78
C ARG A 61 -19.40 0.85 -11.52
N PRO A 62 -19.86 0.47 -12.75
CA PRO A 62 -20.87 1.25 -13.45
C PRO A 62 -22.07 1.66 -12.57
N ALA A 63 -22.51 0.78 -11.67
CA ALA A 63 -23.70 1.04 -10.81
C ALA A 63 -23.41 2.19 -9.84
N LEU A 64 -22.14 2.54 -9.63
CA LEU A 64 -21.76 3.67 -8.72
C LEU A 64 -21.32 4.91 -9.51
N ALA A 65 -21.35 4.89 -10.85
CA ALA A 65 -20.68 5.91 -11.69
C ALA A 65 -21.08 7.33 -11.29
N PRO A 66 -22.39 7.67 -11.10
CA PRO A 66 -22.77 9.04 -10.73
C PRO A 66 -22.46 9.45 -9.30
N LEU A 67 -22.08 8.50 -8.43
CA LEU A 67 -21.94 8.69 -6.97
C LEU A 67 -20.48 8.92 -6.58
N VAL A 68 -19.54 8.65 -7.49
CA VAL A 68 -18.09 8.92 -7.25
C VAL A 68 -17.64 9.90 -8.32
N ALA A 69 -17.50 11.18 -7.95
CA ALA A 69 -17.10 12.27 -8.85
C ALA A 69 -15.58 12.44 -8.75
N PHE A 70 -14.87 12.25 -9.85
CA PHE A 70 -13.43 12.55 -9.92
C PHE A 70 -13.26 14.05 -10.12
N VAL A 71 -12.48 14.65 -9.24
CA VAL A 71 -12.12 16.10 -9.29
C VAL A 71 -10.63 16.16 -9.58
N ALA A 72 -10.28 16.50 -10.82
CA ALA A 72 -8.88 16.52 -11.31
C ALA A 72 -8.34 17.94 -11.13
N LEU A 73 -7.40 18.11 -10.21
CA LEU A 73 -6.65 19.38 -10.03
C LEU A 73 -5.30 19.18 -10.70
N PRO A 74 -4.97 19.91 -11.78
CA PRO A 74 -3.65 19.76 -12.41
C PRO A 74 -2.53 20.17 -11.44
N LEU A 75 -1.46 19.37 -11.37
CA LEU A 75 -0.22 19.75 -10.66
C LEU A 75 0.33 21.00 -11.33
N PRO A 76 0.69 22.04 -10.55
CA PRO A 76 1.40 23.19 -11.11
C PRO A 76 2.71 22.73 -11.74
N ARG A 77 3.17 23.45 -12.77
CA ARG A 77 4.46 23.17 -13.43
C ARG A 77 5.58 23.69 -12.53
N VAL A 78 6.61 22.87 -12.33
CA VAL A 78 7.82 23.19 -11.54
C VAL A 78 9.01 22.82 -12.41
N GLU A 79 9.90 23.77 -12.71
CA GLU A 79 11.08 23.51 -13.58
C GLU A 79 11.89 22.34 -12.98
N GLY A 80 12.16 21.32 -13.79
CA GLY A 80 12.91 20.11 -13.38
C GLY A 80 12.00 18.95 -12.97
N LEU A 81 10.70 19.20 -12.80
CA LEU A 81 9.71 18.13 -12.52
C LEU A 81 9.00 17.81 -13.83
N PRO A 82 9.17 16.60 -14.41
CA PRO A 82 8.52 16.27 -15.67
C PRO A 82 6.99 16.43 -15.61
N ASP A 83 6.43 16.99 -16.69
CA ASP A 83 4.98 16.92 -16.96
C ASP A 83 4.60 15.44 -16.91
N GLY A 84 3.60 15.09 -16.10
CA GLY A 84 3.14 13.69 -15.97
C GLY A 84 3.75 12.98 -14.77
N ALA A 85 4.82 13.51 -14.15
CA ALA A 85 5.43 12.88 -12.96
C ALA A 85 4.62 13.26 -11.73
N GLU A 86 3.47 12.60 -11.54
CA GLU A 86 2.43 13.04 -10.57
C GLU A 86 2.47 12.25 -9.27
N SER A 87 3.06 11.05 -9.26
CA SER A 87 2.96 10.11 -8.12
C SER A 87 4.35 9.66 -7.67
N THR A 88 4.40 9.03 -6.51
CA THR A 88 5.65 8.42 -6.00
C THR A 88 6.08 7.24 -6.87
N ASN A 89 5.23 6.76 -7.78
CA ASN A 89 5.59 5.70 -8.76
C ASN A 89 6.35 6.31 -9.96
N ASP A 90 6.27 7.64 -10.11
CA ASP A 90 6.86 8.40 -11.26
C ASP A 90 8.07 9.21 -10.82
N VAL A 91 8.08 9.65 -9.56
CA VAL A 91 9.14 10.50 -8.95
C VAL A 91 9.91 9.58 -8.03
N PRO A 92 11.13 9.15 -8.42
CA PRO A 92 11.83 8.12 -7.66
C PRO A 92 12.49 8.65 -6.38
N HIS A 93 12.42 7.86 -5.30
CA HIS A 93 13.06 8.20 -4.00
C HIS A 93 14.58 8.30 -4.17
N ASP A 94 15.17 7.64 -5.16
CA ASP A 94 16.63 7.71 -5.39
C ASP A 94 17.02 9.02 -6.11
N ARG A 95 16.06 9.92 -6.37
CA ARG A 95 16.32 11.30 -6.86
C ARG A 95 15.66 12.28 -5.89
N PRO A 96 16.27 12.50 -4.70
CA PRO A 96 15.66 13.35 -3.67
C PRO A 96 15.36 14.78 -4.13
N ASP A 97 16.15 15.33 -5.05
CA ASP A 97 15.88 16.67 -5.63
C ASP A 97 14.51 16.65 -6.30
N MET A 98 14.19 15.57 -7.04
CA MET A 98 12.88 15.51 -7.74
C MET A 98 11.76 15.29 -6.72
N VAL A 99 11.98 14.47 -5.69
CA VAL A 99 11.02 14.31 -4.57
C VAL A 99 10.63 15.70 -4.05
N GLU A 100 11.60 16.59 -3.89
CA GLU A 100 11.37 17.95 -3.32
C GLU A 100 10.54 18.78 -4.31
N LEU A 101 10.83 18.70 -5.61
CA LEU A 101 10.07 19.45 -6.64
C LEU A 101 8.62 18.97 -6.64
N HIS A 102 8.40 17.67 -6.53
CA HIS A 102 7.04 17.07 -6.50
C HIS A 102 6.29 17.55 -5.25
N ARG A 103 6.97 17.62 -4.11
CA ARG A 103 6.38 18.16 -2.85
C ARG A 103 5.91 19.60 -3.12
N ARG A 104 6.74 20.40 -3.78
CA ARG A 104 6.42 21.83 -4.06
C ARG A 104 5.19 21.90 -4.97
N ALA A 105 5.12 21.05 -5.99
CA ALA A 105 3.98 20.97 -6.93
C ALA A 105 2.72 20.58 -6.16
N PHE A 106 2.83 19.55 -5.32
CA PHE A 106 1.70 19.03 -4.50
C PHE A 106 1.11 20.16 -3.65
N ASP A 107 1.98 20.90 -2.95
CA ASP A 107 1.51 21.98 -2.04
C ASP A 107 0.87 23.09 -2.85
N GLY A 108 1.20 23.21 -4.14
CA GLY A 108 0.59 24.21 -5.06
C GLY A 108 -0.86 23.89 -5.37
N LEU A 109 -1.36 22.71 -4.98
CA LEU A 109 -2.80 22.34 -5.16
C LEU A 109 -3.70 23.11 -4.17
N ALA A 110 -3.13 23.81 -3.19
CA ALA A 110 -3.87 24.39 -2.04
C ALA A 110 -5.01 25.30 -2.53
N ALA A 111 -4.70 26.29 -3.37
CA ALA A 111 -5.69 27.31 -3.77
C ALA A 111 -6.80 26.67 -4.62
N PRO A 112 -6.48 25.88 -5.67
CA PRO A 112 -7.52 25.19 -6.45
C PRO A 112 -8.41 24.29 -5.58
N PHE A 113 -7.82 23.59 -4.60
CA PHE A 113 -8.61 22.72 -3.70
C PHE A 113 -9.57 23.57 -2.85
N SER A 114 -9.09 24.65 -2.24
CA SER A 114 -9.94 25.52 -1.39
C SER A 114 -11.10 26.09 -2.23
N GLU A 115 -10.82 26.50 -3.47
CA GLU A 115 -11.84 27.02 -4.41
C GLU A 115 -12.91 25.93 -4.64
N PHE A 116 -12.49 24.71 -4.94
CA PHE A 116 -13.38 23.55 -5.13
C PHE A 116 -14.24 23.35 -3.89
N LEU A 117 -13.63 23.30 -2.70
CA LEU A 117 -14.32 22.90 -1.44
C LEU A 117 -15.42 23.92 -1.11
N GLY A 118 -15.18 25.20 -1.37
CA GLY A 118 -16.12 26.29 -1.06
C GLY A 118 -17.54 26.02 -1.55
N THR A 119 -17.67 25.44 -2.75
CA THR A 119 -18.99 25.24 -3.42
C THR A 119 -19.36 23.75 -3.48
N ALA A 120 -18.63 22.88 -2.78
CA ALA A 120 -18.79 21.40 -2.87
C ALA A 120 -19.95 20.89 -2.02
N CYS A 121 -20.48 21.67 -1.07
CA CYS A 121 -21.53 21.19 -0.13
C CYS A 121 -21.03 19.91 0.54
N ALA A 122 -19.81 19.92 1.07
CA ALA A 122 -19.18 18.72 1.68
C ALA A 122 -19.62 18.59 3.14
N ASP A 123 -19.90 17.37 3.57
CA ASP A 123 -20.19 17.03 4.99
C ASP A 123 -18.88 16.69 5.71
N TRP A 124 -17.93 16.07 5.01
CA TRP A 124 -16.61 15.66 5.55
C TRP A 124 -15.55 15.84 4.47
N VAL A 125 -14.35 16.23 4.89
CA VAL A 125 -13.11 16.06 4.07
C VAL A 125 -12.28 14.98 4.75
N ILE A 126 -11.85 13.99 3.99
CA ILE A 126 -10.93 12.94 4.47
C ILE A 126 -9.61 13.17 3.73
N VAL A 127 -8.58 13.59 4.45
CA VAL A 127 -7.29 14.05 3.85
C VAL A 127 -6.21 13.04 4.22
N ASP A 128 -5.16 12.99 3.41
CA ASP A 128 -4.05 12.05 3.66
C ASP A 128 -2.94 12.73 4.47
N VAL A 129 -1.88 11.96 4.74
CA VAL A 129 -0.87 12.23 5.79
C VAL A 129 -0.14 13.57 5.60
N PHE A 130 -0.01 14.11 4.38
CA PHE A 130 0.74 15.38 4.16
C PHE A 130 -0.16 16.52 3.67
N HIS A 131 -1.49 16.33 3.72
CA HIS A 131 -2.48 17.29 3.17
C HIS A 131 -2.73 18.43 4.16
N HIS A 132 -1.69 19.12 4.61
CA HIS A 132 -1.84 20.18 5.64
C HIS A 132 -2.73 21.29 5.08
N TRP A 133 -2.61 21.60 3.78
CA TRP A 133 -3.41 22.66 3.11
C TRP A 133 -4.87 22.24 2.98
N ALA A 134 -5.17 20.98 2.67
CA ALA A 134 -6.56 20.50 2.55
C ALA A 134 -7.25 20.58 3.93
N ALA A 135 -6.53 20.26 5.00
CA ALA A 135 -7.04 20.41 6.39
C ALA A 135 -7.31 21.90 6.68
N ALA A 136 -6.43 22.79 6.22
CA ALA A 136 -6.61 24.26 6.39
C ALA A 136 -7.87 24.71 5.64
N ALA A 137 -8.09 24.20 4.42
CA ALA A 137 -9.29 24.52 3.62
C ALA A 137 -10.55 24.03 4.35
N ALA A 138 -10.51 22.85 4.95
CA ALA A 138 -11.66 22.28 5.69
C ALA A 138 -12.03 23.23 6.84
N LEU A 139 -11.03 23.74 7.56
CA LEU A 139 -11.25 24.68 8.69
C LEU A 139 -11.87 25.98 8.14
N GLU A 140 -11.29 26.54 7.07
CA GLU A 140 -11.76 27.78 6.38
C GLU A 140 -13.25 27.66 6.02
N HIS A 141 -13.67 26.53 5.47
CA HIS A 141 -15.05 26.29 4.93
C HIS A 141 -15.95 25.59 5.96
N LYS A 142 -15.46 25.42 7.19
CA LYS A 142 -16.21 24.83 8.34
C LYS A 142 -16.72 23.44 7.97
N VAL A 143 -15.86 22.62 7.36
CA VAL A 143 -16.15 21.19 7.07
C VAL A 143 -15.27 20.35 7.98
N PRO A 144 -15.82 19.42 8.78
CA PRO A 144 -15.00 18.55 9.61
C PRO A 144 -14.02 17.75 8.72
N CYS A 145 -12.84 17.51 9.28
CA CYS A 145 -11.67 16.96 8.57
C CYS A 145 -11.16 15.73 9.32
N ALA A 146 -11.11 14.59 8.64
CA ALA A 146 -10.52 13.33 9.14
C ALA A 146 -9.19 13.12 8.42
N MET A 147 -8.12 12.81 9.16
CA MET A 147 -6.83 12.48 8.55
C MET A 147 -6.71 10.96 8.47
N MET A 148 -6.45 10.47 7.26
CA MET A 148 -6.15 9.05 7.01
C MET A 148 -4.76 8.72 7.51
N LEU A 149 -4.66 7.66 8.30
CA LEU A 149 -3.40 7.00 8.64
C LEU A 149 -3.67 5.50 8.47
N LEU A 150 -3.92 5.09 7.22
CA LEU A 150 -4.55 3.78 6.90
C LEU A 150 -3.50 2.68 7.01
N GLY A 151 -2.91 2.57 8.19
CA GLY A 151 -1.97 1.51 8.54
C GLY A 151 -2.46 0.72 9.72
N SER A 152 -1.57 -0.07 10.29
CA SER A 152 -1.85 -0.96 11.44
C SER A 152 -2.01 -0.13 12.70
N ALA A 153 -2.68 -0.70 13.69
CA ALA A 153 -2.72 -0.13 15.05
C ALA A 153 -1.29 -0.06 15.60
N HIS A 154 -0.46 -1.08 15.36
CA HIS A 154 0.95 -1.12 15.83
C HIS A 154 1.70 0.09 15.28
N MET A 155 1.48 0.45 14.01
CA MET A 155 2.14 1.63 13.40
C MET A 155 1.64 2.92 14.07
N ILE A 156 0.32 3.05 14.31
CA ILE A 156 -0.21 4.27 14.99
C ILE A 156 0.39 4.39 16.39
N ALA A 157 0.53 3.27 17.11
CA ALA A 157 1.20 3.24 18.44
C ALA A 157 2.65 3.73 18.29
N SER A 158 3.32 3.36 17.20
CA SER A 158 4.73 3.77 16.95
C SER A 158 4.80 5.29 16.76
N ILE A 159 3.86 5.87 16.02
CA ILE A 159 3.87 7.34 15.77
C ILE A 159 3.67 8.08 17.10
N ALA A 160 2.87 7.52 18.01
CA ALA A 160 2.60 8.10 19.35
C ALA A 160 3.82 7.94 20.27
N ASP A 161 4.76 7.06 19.93
CA ASP A 161 5.92 6.74 20.81
C ASP A 161 7.10 6.34 19.94
N ARG A 162 7.60 7.28 19.15
CA ARG A 162 8.55 7.03 18.06
C ARG A 162 9.94 6.73 18.63
N ARG A 163 10.68 5.81 18.01
CA ARG A 163 12.09 5.50 18.42
C ARG A 163 13.01 5.58 17.19
N MET A 202 8.93 22.65 4.82
CA MET A 202 8.75 21.82 6.04
C MET A 202 9.30 20.41 5.80
N SER A 203 9.83 19.79 6.84
CA SER A 203 10.26 18.37 6.86
C SER A 203 9.02 17.47 6.75
N LEU A 204 9.23 16.19 6.41
CA LEU A 204 8.17 15.15 6.37
C LEU A 204 7.45 15.09 7.73
N ALA A 205 8.21 15.06 8.83
CA ALA A 205 7.65 15.00 10.19
C ALA A 205 6.77 16.24 10.44
N GLU A 206 7.19 17.40 9.94
CA GLU A 206 6.46 18.68 10.18
C GLU A 206 5.19 18.71 9.32
N ARG A 207 5.25 18.24 8.08
CA ARG A 207 4.08 18.20 7.17
C ARG A 207 2.99 17.31 7.80
N PHE A 208 3.39 16.14 8.30
CA PHE A 208 2.50 15.17 8.96
C PHE A 208 1.91 15.80 10.23
N SER A 209 2.79 16.34 11.08
CA SER A 209 2.38 16.94 12.38
C SER A 209 1.34 18.06 12.14
N LEU A 210 1.56 18.91 11.14
CA LEU A 210 0.64 20.04 10.86
C LEU A 210 -0.72 19.51 10.38
N THR A 211 -0.72 18.51 9.49
CA THR A 211 -1.99 17.89 8.99
C THR A 211 -2.76 17.34 10.18
N LEU A 212 -2.09 16.58 11.05
CA LEU A 212 -2.72 15.97 12.23
C LEU A 212 -3.34 17.06 13.12
N SER A 213 -2.61 18.16 13.35
CA SER A 213 -3.04 19.26 14.27
C SER A 213 -4.36 19.87 13.79
N ARG A 214 -4.60 19.88 12.47
CA ARG A 214 -5.77 20.57 11.86
C ARG A 214 -6.94 19.60 11.65
N SER A 215 -6.77 18.32 11.96
CA SER A 215 -7.81 17.28 11.75
C SER A 215 -8.56 17.06 13.06
N SER A 216 -9.78 16.53 12.98
CA SER A 216 -10.59 16.26 14.21
C SER A 216 -10.62 14.76 14.51
N LEU A 217 -10.13 13.92 13.61
CA LEU A 217 -10.28 12.45 13.69
C LEU A 217 -9.12 11.83 12.91
N VAL A 218 -8.54 10.76 13.43
CA VAL A 218 -7.48 9.96 12.77
C VAL A 218 -8.05 8.59 12.45
N VAL A 219 -7.90 8.13 11.22
CA VAL A 219 -8.58 6.91 10.69
C VAL A 219 -7.52 5.85 10.40
N GLY A 220 -7.54 4.72 11.14
CA GLY A 220 -6.64 3.58 10.93
C GLY A 220 -7.31 2.46 10.14
N ARG A 221 -6.50 1.55 9.58
CA ARG A 221 -6.99 0.41 8.76
C ARG A 221 -6.65 -0.88 9.49
N SER A 222 -7.32 -1.12 10.60
CA SER A 222 -7.18 -2.39 11.35
C SER A 222 -8.43 -2.59 12.20
N CYS A 223 -8.36 -3.55 13.11
CA CYS A 223 -9.48 -3.85 14.02
C CYS A 223 -8.97 -4.66 15.19
N VAL A 224 -9.75 -4.69 16.26
CA VAL A 224 -9.35 -5.39 17.51
C VAL A 224 -9.19 -6.89 17.21
N GLU A 225 -9.93 -7.47 16.26
CA GLU A 225 -9.80 -8.92 15.96
C GLU A 225 -8.40 -9.23 15.46
N PHE A 226 -7.79 -8.31 14.70
CA PHE A 226 -6.45 -8.52 14.09
C PHE A 226 -5.34 -8.09 15.04
N GLU A 227 -5.57 -7.02 15.81
CA GLU A 227 -4.55 -6.45 16.73
C GLU A 227 -5.15 -6.26 18.11
N PRO A 228 -5.57 -7.36 18.79
CA PRO A 228 -6.15 -7.26 20.12
C PRO A 228 -5.20 -6.69 21.18
N GLU A 229 -3.90 -6.83 20.92
N GLU A 229 -3.88 -6.82 20.98
CA GLU A 229 -2.79 -6.38 21.79
CA GLU A 229 -2.88 -6.31 21.94
C GLU A 229 -2.67 -4.85 21.77
C GLU A 229 -2.77 -4.78 21.84
N THR A 230 -3.12 -4.17 20.71
CA THR A 230 -2.85 -2.73 20.49
C THR A 230 -4.12 -1.89 20.46
N VAL A 231 -5.15 -2.30 19.72
CA VAL A 231 -6.32 -1.41 19.47
C VAL A 231 -6.91 -0.93 20.80
N PRO A 232 -7.09 -1.78 21.85
CA PRO A 232 -7.69 -1.30 23.11
C PRO A 232 -6.84 -0.26 23.86
N LEU A 233 -5.55 -0.16 23.52
CA LEU A 233 -4.59 0.75 24.19
C LEU A 233 -4.65 2.15 23.57
N LEU A 234 -5.20 2.29 22.37
CA LEU A 234 -5.13 3.58 21.63
C LEU A 234 -6.43 4.36 21.86
N SER A 235 -6.31 5.66 22.12
CA SER A 235 -7.47 6.57 22.29
C SER A 235 -7.29 7.76 21.35
N THR A 236 -6.17 8.47 21.49
CA THR A 236 -5.94 9.74 20.74
C THR A 236 -4.52 9.77 20.16
N LEU A 237 -4.37 10.56 19.11
CA LEU A 237 -3.07 10.93 18.52
C LEU A 237 -3.07 12.46 18.42
N ARG A 238 -2.11 13.12 19.08
CA ARG A 238 -2.13 14.61 19.24
C ARG A 238 -3.52 15.06 19.71
N GLY A 239 -4.11 14.35 20.67
CA GLY A 239 -5.40 14.68 21.29
C GLY A 239 -6.59 14.50 20.36
N LYS A 240 -6.39 13.96 19.14
CA LYS A 240 -7.48 13.69 18.17
C LYS A 240 -7.92 12.23 18.33
N PRO A 241 -9.23 11.93 18.39
CA PRO A 241 -9.68 10.55 18.50
C PRO A 241 -9.17 9.68 17.33
N ILE A 242 -8.70 8.49 17.64
CA ILE A 242 -8.34 7.43 16.65
C ILE A 242 -9.57 6.53 16.45
N THR A 243 -9.97 6.31 15.21
CA THR A 243 -11.01 5.32 14.86
C THR A 243 -10.40 4.34 13.85
N PHE A 244 -10.80 3.08 13.92
CA PHE A 244 -10.35 2.03 12.98
C PHE A 244 -11.53 1.65 12.08
N LEU A 245 -11.34 1.72 10.77
CA LEU A 245 -12.43 1.36 9.81
C LEU A 245 -12.31 -0.09 9.35
N GLY A 246 -11.59 -0.94 10.10
CA GLY A 246 -11.41 -2.37 9.76
C GLY A 246 -10.23 -2.55 8.82
N LEU A 247 -10.01 -3.76 8.33
CA LEU A 247 -8.87 -4.03 7.41
C LEU A 247 -9.23 -3.67 5.98
N MET A 248 -10.51 -3.51 5.64
CA MET A 248 -10.96 -3.08 4.29
C MET A 248 -10.18 -3.83 3.22
N PRO A 249 -10.25 -5.18 3.23
CA PRO A 249 -9.57 -5.98 2.21
C PRO A 249 -10.19 -5.68 0.86
N PRO A 250 -9.36 -5.52 -0.20
CA PRO A 250 -9.87 -5.18 -1.52
C PRO A 250 -10.71 -6.29 -2.19
N LEU A 251 -11.36 -5.91 -3.28
CA LEU A 251 -12.26 -6.77 -4.09
C LEU A 251 -11.70 -6.83 -5.51
N HIS A 252 -11.71 -8.02 -6.12
CA HIS A 252 -11.32 -8.20 -7.54
C HIS A 252 -12.08 -7.19 -8.41
N GLU A 253 -13.39 -7.02 -8.17
CA GLU A 253 -14.28 -6.12 -8.96
C GLU A 253 -13.77 -4.67 -8.88
N GLY A 254 -13.03 -4.31 -7.81
CA GLY A 254 -12.58 -2.93 -7.58
C GLY A 254 -11.21 -2.67 -8.16
N ARG A 255 -10.51 -3.71 -8.60
CA ARG A 255 -9.09 -3.65 -8.98
C ARG A 255 -8.94 -4.24 -10.38
N ARG A 256 -9.95 -4.02 -11.23
CA ARG A 256 -10.22 -4.83 -12.44
C ARG A 256 -8.93 -5.00 -13.25
N GLU A 257 -8.29 -6.15 -13.02
CA GLU A 257 -7.06 -6.63 -13.70
C GLU A 257 -7.44 -7.59 -14.83
N ASP A 258 -6.44 -7.96 -15.65
CA ASP A 258 -6.60 -8.90 -16.80
C ASP A 258 -6.21 -10.32 -16.35
N GLY A 259 -7.17 -11.26 -16.38
CA GLY A 259 -6.94 -12.69 -16.11
C GLY A 259 -6.20 -13.37 -17.25
N GLU A 260 -5.90 -12.63 -18.33
CA GLU A 260 -5.07 -13.07 -19.47
C GLU A 260 -3.74 -12.28 -19.51
N ASP A 261 -3.42 -11.51 -18.46
CA ASP A 261 -2.07 -10.91 -18.28
C ASP A 261 -1.03 -12.03 -18.43
N ALA A 262 0.09 -11.74 -19.09
CA ALA A 262 1.18 -12.72 -19.35
C ALA A 262 1.63 -13.38 -18.05
N THR A 263 1.67 -12.64 -16.93
CA THR A 263 2.14 -13.20 -15.64
C THR A 263 1.14 -14.27 -15.18
N VAL A 264 -0.16 -14.01 -15.35
CA VAL A 264 -1.22 -14.96 -14.90
C VAL A 264 -1.18 -16.20 -15.79
N ARG A 265 -0.95 -16.05 -17.09
CA ARG A 265 -0.86 -17.22 -18.02
C ARG A 265 0.39 -18.04 -17.64
N TRP A 266 1.46 -17.40 -17.19
CA TRP A 266 2.66 -18.14 -16.70
C TRP A 266 2.31 -18.90 -15.42
N LEU A 267 1.65 -18.26 -14.46
CA LEU A 267 1.21 -18.91 -13.19
C LEU A 267 0.34 -20.12 -13.52
N ASP A 268 -0.51 -20.02 -14.55
CA ASP A 268 -1.41 -21.12 -14.96
C ASP A 268 -0.60 -22.38 -15.28
N ALA A 269 0.67 -22.24 -15.70
CA ALA A 269 1.53 -23.36 -16.11
C ALA A 269 2.36 -23.91 -14.95
N GLN A 270 2.12 -23.46 -13.71
CA GLN A 270 2.87 -23.91 -12.51
C GLN A 270 1.93 -24.65 -11.56
N PRO A 271 2.44 -25.66 -10.84
CA PRO A 271 1.62 -26.42 -9.91
C PRO A 271 1.26 -25.60 -8.66
N ALA A 272 0.25 -26.06 -7.95
CA ALA A 272 -0.33 -25.39 -6.76
C ALA A 272 0.77 -25.06 -5.75
N LYS A 273 0.76 -23.82 -5.27
CA LYS A 273 1.56 -23.34 -4.12
C LYS A 273 3.05 -23.52 -4.41
N SER A 274 3.47 -23.48 -5.67
CA SER A 274 4.87 -23.74 -6.08
C SER A 274 5.64 -22.43 -6.27
N VAL A 275 4.95 -21.29 -6.41
CA VAL A 275 5.59 -20.02 -6.86
C VAL A 275 5.73 -19.05 -5.69
N VAL A 276 6.94 -18.51 -5.49
CA VAL A 276 7.14 -17.35 -4.61
C VAL A 276 6.89 -16.10 -5.46
N TYR A 277 5.85 -15.36 -5.13
CA TYR A 277 5.59 -14.03 -5.73
C TYR A 277 6.46 -13.01 -5.00
N VAL A 278 7.15 -12.18 -5.76
CA VAL A 278 8.08 -11.14 -5.22
C VAL A 278 7.60 -9.78 -5.71
N ALA A 279 7.31 -8.86 -4.79
CA ALA A 279 6.92 -7.48 -5.19
C ALA A 279 7.17 -6.55 -4.00
N LEU A 280 7.64 -5.33 -4.28
CA LEU A 280 7.96 -4.35 -3.23
C LEU A 280 7.08 -3.11 -3.41
N GLY A 281 5.82 -3.31 -3.74
CA GLY A 281 4.87 -2.20 -3.89
C GLY A 281 5.24 -1.26 -5.01
N SER A 282 4.79 -0.01 -4.88
CA SER A 282 4.71 0.95 -6.00
C SER A 282 5.82 2.00 -5.93
N GLU A 283 6.63 2.09 -4.87
CA GLU A 283 7.51 3.28 -4.76
C GLU A 283 8.83 3.05 -4.01
N VAL A 284 8.95 2.11 -3.08
CA VAL A 284 10.21 2.06 -2.28
C VAL A 284 11.40 1.87 -3.23
N PRO A 285 12.52 2.56 -2.96
CA PRO A 285 13.72 2.38 -3.76
C PRO A 285 14.41 1.05 -3.41
N LEU A 286 15.03 0.45 -4.41
CA LEU A 286 15.95 -0.69 -4.21
C LEU A 286 17.06 -0.55 -5.25
N GLY A 287 18.23 -0.08 -4.80
CA GLY A 287 19.36 0.19 -5.71
C GLY A 287 19.82 -1.09 -6.41
N VAL A 288 20.57 -0.92 -7.50
CA VAL A 288 20.94 -2.06 -8.39
C VAL A 288 21.70 -3.15 -7.62
N GLU A 289 22.57 -2.77 -6.68
N GLU A 289 22.58 -2.76 -6.69
CA GLU A 289 23.36 -3.76 -5.89
CA GLU A 289 23.38 -3.73 -5.88
C GLU A 289 22.40 -4.62 -5.07
C GLU A 289 22.42 -4.60 -5.04
N LYS A 290 21.34 -4.02 -4.52
CA LYS A 290 20.34 -4.72 -3.69
C LYS A 290 19.46 -5.59 -4.60
N VAL A 291 19.11 -5.08 -5.79
CA VAL A 291 18.37 -5.89 -6.80
C VAL A 291 19.17 -7.18 -7.07
N HIS A 292 20.48 -7.09 -7.26
CA HIS A 292 21.32 -8.27 -7.58
C HIS A 292 21.32 -9.25 -6.40
N GLU A 293 21.40 -8.78 -5.15
CA GLU A 293 21.36 -9.68 -3.98
C GLU A 293 19.99 -10.38 -3.91
N LEU A 294 18.91 -9.65 -4.13
CA LEU A 294 17.55 -10.24 -4.13
C LEU A 294 17.47 -11.30 -5.25
N ALA A 295 17.93 -10.98 -6.45
CA ALA A 295 17.93 -11.90 -7.60
C ALA A 295 18.70 -13.18 -7.24
N LEU A 296 19.92 -13.03 -6.75
CA LEU A 296 20.79 -14.20 -6.51
C LEU A 296 20.25 -15.01 -5.33
N GLY A 297 19.61 -14.36 -4.35
CA GLY A 297 18.96 -15.10 -3.24
C GLY A 297 17.80 -15.94 -3.77
N LEU A 298 16.96 -15.36 -4.65
CA LEU A 298 15.86 -16.11 -5.30
C LEU A 298 16.44 -17.30 -6.08
N GLU A 299 17.51 -17.09 -6.83
CA GLU A 299 18.12 -18.16 -7.65
C GLU A 299 18.59 -19.29 -6.73
N LEU A 300 19.36 -18.94 -5.69
CA LEU A 300 20.04 -19.93 -4.83
C LEU A 300 19.03 -20.78 -4.04
N ALA A 301 17.88 -20.21 -3.64
CA ALA A 301 16.85 -20.95 -2.86
C ALA A 301 16.13 -21.96 -3.77
N GLY A 302 16.11 -21.74 -5.08
CA GLY A 302 15.73 -22.74 -6.10
C GLY A 302 14.23 -22.83 -6.38
N THR A 303 13.39 -22.00 -5.76
CA THR A 303 11.91 -22.06 -5.98
C THR A 303 11.57 -21.42 -7.33
N ARG A 304 10.43 -21.77 -7.90
CA ARG A 304 9.80 -20.93 -8.94
C ARG A 304 9.53 -19.55 -8.34
N PHE A 305 9.56 -18.52 -9.17
CA PHE A 305 9.27 -17.15 -8.69
C PHE A 305 8.64 -16.33 -9.82
N LEU A 306 7.81 -15.39 -9.40
CA LEU A 306 7.27 -14.31 -10.24
C LEU A 306 7.62 -13.00 -9.54
N TRP A 307 8.44 -12.18 -10.18
CA TRP A 307 9.04 -10.98 -9.54
C TRP A 307 8.60 -9.72 -10.30
N ALA A 308 7.79 -8.89 -9.64
CA ALA A 308 7.42 -7.54 -10.10
C ALA A 308 8.48 -6.56 -9.60
N LEU A 309 9.35 -6.12 -10.49
CA LEU A 309 10.55 -5.31 -10.17
C LEU A 309 10.43 -3.93 -10.79
N ARG A 310 10.63 -2.88 -10.00
CA ARG A 310 10.80 -1.50 -10.52
C ARG A 310 12.31 -1.24 -10.73
N LYS A 311 12.64 -0.52 -11.79
CA LYS A 311 14.06 -0.26 -12.11
C LYS A 311 14.57 0.87 -11.23
N PRO A 312 15.80 0.78 -10.69
CA PRO A 312 16.46 1.93 -10.09
C PRO A 312 16.70 2.96 -11.20
N THR A 313 16.67 4.25 -10.85
CA THR A 313 16.87 5.36 -11.81
C THR A 313 18.26 5.24 -12.44
N GLY A 314 18.34 5.38 -13.76
CA GLY A 314 19.61 5.53 -14.50
C GLY A 314 20.37 4.23 -14.66
N VAL A 315 19.74 3.09 -14.39
CA VAL A 315 20.38 1.76 -14.53
C VAL A 315 20.03 1.21 -15.91
N SER A 316 21.03 0.77 -16.65
CA SER A 316 20.86 0.20 -18.01
C SER A 316 20.13 -1.14 -17.89
N ASP A 317 19.40 -1.53 -18.93
CA ASP A 317 18.66 -2.82 -18.95
C ASP A 317 19.66 -3.97 -18.79
N ALA A 318 20.85 -3.85 -19.37
CA ALA A 318 21.88 -4.90 -19.35
C ALA A 318 22.45 -5.04 -17.93
N ASP A 319 22.36 -3.98 -17.12
CA ASP A 319 22.98 -3.94 -15.77
C ASP A 319 21.94 -4.27 -14.68
N LEU A 320 20.64 -4.31 -15.00
CA LEU A 320 19.57 -4.38 -13.97
C LEU A 320 19.71 -5.66 -13.14
N LEU A 321 19.93 -6.80 -13.81
CA LEU A 321 19.96 -8.14 -13.15
C LEU A 321 21.37 -8.71 -13.27
N PRO A 322 21.72 -9.67 -12.40
CA PRO A 322 23.04 -10.31 -12.48
C PRO A 322 23.26 -10.93 -13.86
N ALA A 323 24.49 -10.92 -14.34
CA ALA A 323 24.85 -11.51 -15.65
C ALA A 323 24.38 -12.97 -15.69
N GLY A 324 23.58 -13.31 -16.70
CA GLY A 324 23.12 -14.70 -16.95
C GLY A 324 21.95 -15.13 -16.07
N PHE A 325 21.51 -14.30 -15.12
CA PHE A 325 20.42 -14.66 -14.16
C PHE A 325 19.14 -15.04 -14.94
N GLU A 326 18.69 -14.19 -15.86
CA GLU A 326 17.43 -14.43 -16.61
C GLU A 326 17.56 -15.72 -17.41
N GLU A 327 18.71 -15.96 -18.06
CA GLU A 327 18.91 -17.20 -18.83
C GLU A 327 18.87 -18.40 -17.88
N ARG A 328 19.59 -18.35 -16.76
CA ARG A 328 19.69 -19.52 -15.85
C ARG A 328 18.33 -19.87 -15.25
N THR A 329 17.49 -18.86 -14.98
CA THR A 329 16.23 -19.03 -14.21
C THR A 329 15.02 -19.03 -15.16
N ARG A 330 15.22 -18.96 -16.47
CA ARG A 330 14.11 -18.83 -17.46
C ARG A 330 13.06 -19.93 -17.24
N GLY A 331 13.50 -21.14 -16.90
CA GLY A 331 12.62 -22.31 -16.76
C GLY A 331 11.74 -22.23 -15.52
N ARG A 332 12.11 -21.47 -14.49
CA ARG A 332 11.40 -21.50 -13.19
C ARG A 332 10.98 -20.10 -12.71
N GLY A 333 11.36 -19.04 -13.41
CA GLY A 333 11.11 -17.68 -12.88
C GLY A 333 10.86 -16.68 -13.97
N VAL A 334 10.03 -15.68 -13.66
CA VAL A 334 9.70 -14.55 -14.55
C VAL A 334 9.95 -13.25 -13.80
N VAL A 335 10.67 -12.33 -14.42
CA VAL A 335 10.82 -10.94 -13.92
C VAL A 335 10.00 -10.04 -14.84
N ALA A 336 9.08 -9.28 -14.27
CA ALA A 336 8.23 -8.29 -14.97
C ALA A 336 8.63 -6.91 -14.46
N THR A 337 9.18 -6.07 -15.34
CA THR A 337 9.59 -4.68 -14.99
C THR A 337 8.46 -3.75 -15.43
N ARG A 338 7.26 -4.07 -14.98
CA ARG A 338 6.04 -3.30 -15.26
C ARG A 338 5.07 -3.53 -14.12
N TRP A 339 3.99 -2.75 -14.09
CA TRP A 339 2.89 -2.93 -13.12
C TRP A 339 2.21 -4.27 -13.39
N VAL A 340 2.05 -5.09 -12.36
CA VAL A 340 1.42 -6.43 -12.50
C VAL A 340 0.07 -6.43 -11.80
N PRO A 341 -0.82 -7.34 -12.19
CA PRO A 341 -2.12 -7.50 -11.52
C PRO A 341 -1.96 -8.27 -10.20
N GLN A 342 -1.57 -7.55 -9.15
CA GLN A 342 -1.18 -8.18 -7.87
C GLN A 342 -2.34 -8.98 -7.27
N MET A 343 -3.58 -8.50 -7.35
N MET A 343 -3.58 -8.50 -7.35
CA MET A 343 -4.76 -9.21 -6.79
CA MET A 343 -4.74 -9.23 -6.78
C MET A 343 -4.94 -10.56 -7.51
C MET A 343 -4.93 -10.57 -7.51
N SER A 344 -4.85 -10.57 -8.85
CA SER A 344 -5.02 -11.79 -9.66
C SER A 344 -3.90 -12.78 -9.32
N ILE A 345 -2.70 -12.26 -9.11
CA ILE A 345 -1.50 -13.08 -8.76
C ILE A 345 -1.70 -13.69 -7.37
N LEU A 346 -2.03 -12.88 -6.36
CA LEU A 346 -2.14 -13.42 -4.97
C LEU A 346 -3.35 -14.36 -4.85
N ALA A 347 -4.37 -14.18 -5.68
CA ALA A 347 -5.56 -15.06 -5.68
C ALA A 347 -5.28 -16.36 -6.43
N HIS A 348 -4.11 -16.51 -7.05
CA HIS A 348 -3.81 -17.63 -7.98
C HIS A 348 -3.34 -18.86 -7.19
N ALA A 349 -3.81 -20.04 -7.56
CA ALA A 349 -3.52 -21.32 -6.87
C ALA A 349 -2.02 -21.62 -6.88
N ALA A 350 -1.27 -21.14 -7.86
CA ALA A 350 0.17 -21.46 -8.04
C ALA A 350 1.02 -20.74 -6.98
N VAL A 351 0.52 -19.66 -6.39
CA VAL A 351 1.35 -18.83 -5.49
C VAL A 351 1.32 -19.44 -4.08
N GLY A 352 2.49 -19.74 -3.53
CA GLY A 352 2.63 -20.12 -2.10
C GLY A 352 3.04 -18.91 -1.28
N ALA A 353 4.32 -18.68 -1.14
CA ALA A 353 4.82 -17.60 -0.27
C ALA A 353 4.82 -16.27 -1.05
N PHE A 354 4.82 -15.17 -0.31
CA PHE A 354 4.86 -13.80 -0.87
C PHE A 354 6.07 -13.11 -0.25
N LEU A 355 7.09 -12.86 -1.07
CA LEU A 355 8.25 -12.03 -0.69
C LEU A 355 7.82 -10.57 -0.91
N THR A 356 7.54 -9.89 0.20
CA THR A 356 6.83 -8.59 0.24
C THR A 356 7.68 -7.58 1.00
N HIS A 357 7.61 -6.31 0.61
CA HIS A 357 8.19 -5.20 1.41
C HIS A 357 7.31 -4.88 2.63
N CYS A 358 6.12 -5.48 2.75
CA CYS A 358 5.22 -5.28 3.92
C CYS A 358 4.63 -3.86 3.93
N GLY A 359 4.46 -3.24 2.76
CA GLY A 359 3.45 -2.18 2.63
C GLY A 359 2.15 -2.70 3.21
N TRP A 360 1.32 -1.86 3.82
CA TRP A 360 0.09 -2.37 4.48
C TRP A 360 -0.88 -2.96 3.45
N ASN A 361 -1.02 -2.39 2.25
CA ASN A 361 -1.92 -3.00 1.24
C ASN A 361 -1.44 -4.42 0.93
N SER A 362 -0.16 -4.59 0.65
CA SER A 362 0.43 -5.90 0.25
C SER A 362 0.31 -6.90 1.40
N THR A 363 0.50 -6.45 2.65
CA THR A 363 0.38 -7.32 3.85
C THR A 363 -1.05 -7.89 3.87
N ILE A 364 -2.04 -7.01 3.75
CA ILE A 364 -3.46 -7.42 3.83
C ILE A 364 -3.78 -8.32 2.62
N GLU A 365 -3.35 -7.94 1.43
CA GLU A 365 -3.61 -8.73 0.19
C GLU A 365 -2.97 -10.13 0.30
N GLY A 366 -1.73 -10.21 0.78
CA GLY A 366 -1.06 -11.50 0.98
C GLY A 366 -1.83 -12.38 1.94
N LEU A 367 -2.22 -11.85 3.10
CA LEU A 367 -2.86 -12.65 4.16
C LEU A 367 -4.33 -12.96 3.80
N MET A 368 -5.00 -12.11 3.02
CA MET A 368 -6.42 -12.37 2.68
C MET A 368 -6.51 -13.62 1.80
N PHE A 369 -5.40 -13.99 1.15
CA PHE A 369 -5.28 -15.20 0.29
C PHE A 369 -4.43 -16.28 0.98
N GLY A 370 -4.13 -16.12 2.27
CA GLY A 370 -3.53 -17.15 3.14
C GLY A 370 -2.07 -17.43 2.83
N HIS A 371 -1.33 -16.44 2.31
CA HIS A 371 0.11 -16.61 1.97
C HIS A 371 0.96 -16.26 3.17
N PRO A 372 1.91 -17.15 3.54
CA PRO A 372 2.94 -16.74 4.49
C PRO A 372 3.88 -15.74 3.80
N LEU A 373 4.50 -14.90 4.60
CA LEU A 373 5.25 -13.73 4.08
C LEU A 373 6.75 -13.90 4.32
N ILE A 374 7.53 -13.65 3.28
CA ILE A 374 9.00 -13.48 3.36
C ILE A 374 9.24 -11.97 3.30
N MET A 375 9.70 -11.38 4.38
CA MET A 375 9.49 -9.93 4.59
C MET A 375 10.79 -9.14 4.43
N LEU A 376 10.76 -8.18 3.54
CA LEU A 376 11.92 -7.31 3.21
C LEU A 376 11.46 -5.85 3.33
N PRO A 377 11.15 -5.37 4.56
CA PRO A 377 10.74 -3.98 4.72
C PRO A 377 11.83 -2.99 4.30
N ILE A 378 11.42 -1.87 3.71
CA ILE A 378 12.38 -0.87 3.18
C ILE A 378 12.27 0.45 3.96
N PHE A 379 11.07 1.02 4.10
CA PHE A 379 10.91 2.32 4.80
C PHE A 379 9.53 2.43 5.46
N GLY A 380 9.35 3.53 6.18
CA GLY A 380 8.04 3.99 6.68
C GLY A 380 7.43 2.99 7.63
N ASP A 381 6.21 2.54 7.33
CA ASP A 381 5.46 1.62 8.20
C ASP A 381 5.87 0.16 7.93
N GLN A 382 6.79 -0.11 7.01
CA GLN A 382 7.05 -1.50 6.58
C GLN A 382 7.74 -2.28 7.70
N GLY A 383 8.69 -1.68 8.41
CA GLY A 383 9.35 -2.38 9.52
C GLY A 383 8.35 -2.79 10.59
N PRO A 384 7.54 -1.84 11.11
CA PRO A 384 6.49 -2.20 12.06
C PRO A 384 5.53 -3.29 11.53
N ASN A 385 5.14 -3.18 10.25
CA ASN A 385 4.21 -4.17 9.65
C ASN A 385 4.87 -5.55 9.67
N ALA A 386 6.14 -5.63 9.31
CA ALA A 386 6.90 -6.90 9.23
C ALA A 386 6.99 -7.51 10.64
N ARG A 387 7.34 -6.69 11.62
CA ARG A 387 7.49 -7.19 13.02
C ARG A 387 6.12 -7.67 13.54
N LEU A 388 5.05 -6.98 13.19
CA LEU A 388 3.67 -7.35 13.62
C LEU A 388 3.37 -8.76 13.10
N ILE A 389 3.60 -9.02 11.82
CA ILE A 389 3.26 -10.33 11.21
C ILE A 389 4.22 -11.41 11.72
N GLU A 390 5.50 -11.07 11.92
CA GLU A 390 6.47 -12.03 12.49
C GLU A 390 5.97 -12.48 13.87
N ALA A 391 5.42 -11.57 14.66
CA ALA A 391 4.93 -11.85 16.03
C ALA A 391 3.68 -12.74 15.97
N LYS A 392 3.02 -12.80 14.82
CA LYS A 392 1.84 -13.68 14.58
C LYS A 392 2.29 -14.99 13.92
N ASN A 393 3.60 -15.19 13.76
CA ASN A 393 4.21 -16.47 13.32
C ASN A 393 3.83 -16.81 11.87
N ALA A 394 3.39 -15.83 11.07
CA ALA A 394 2.86 -16.05 9.70
C ALA A 394 3.89 -15.59 8.66
N GLY A 395 5.10 -15.28 9.08
CA GLY A 395 6.17 -14.93 8.14
C GLY A 395 7.47 -14.68 8.85
N LEU A 396 8.52 -14.44 8.09
CA LEU A 396 9.88 -14.24 8.61
C LEU A 396 10.57 -13.13 7.83
N GLN A 397 11.24 -12.24 8.54
CA GLN A 397 12.05 -11.19 7.90
C GLN A 397 13.34 -11.78 7.35
N VAL A 398 13.75 -11.30 6.18
CA VAL A 398 15.13 -11.47 5.65
C VAL A 398 16.08 -10.83 6.66
N ALA A 399 17.13 -11.56 7.06
CA ALA A 399 18.16 -11.04 7.99
C ALA A 399 18.71 -9.70 7.47
N ARG A 400 18.89 -8.74 8.37
CA ARG A 400 19.46 -7.41 8.05
C ARG A 400 20.61 -7.15 9.03
N ASN A 401 21.69 -6.53 8.55
CA ASN A 401 22.85 -6.14 9.39
C ASN A 401 22.37 -5.18 10.48
N ASP A 402 22.64 -5.52 11.75
CA ASP A 402 22.47 -4.62 12.93
C ASP A 402 23.58 -3.56 12.88
N GLY A 403 23.42 -2.55 12.02
CA GLY A 403 24.42 -1.50 11.77
C GLY A 403 24.03 -0.59 10.62
N ASP A 404 23.85 -1.16 9.41
CA ASP A 404 23.48 -0.41 8.18
C ASP A 404 22.18 -0.98 7.57
N GLY A 405 21.58 -2.02 8.18
CA GLY A 405 20.28 -2.58 7.77
C GLY A 405 20.34 -3.27 6.42
N SER A 406 21.54 -3.58 5.92
CA SER A 406 21.77 -4.20 4.58
C SER A 406 21.32 -5.66 4.59
N PHE A 407 21.07 -6.25 3.42
CA PHE A 407 20.81 -7.71 3.27
C PHE A 407 21.70 -8.26 2.14
N ASP A 408 21.80 -9.59 2.05
CA ASP A 408 22.56 -10.23 0.95
C ASP A 408 21.84 -11.49 0.50
N ARG A 409 22.38 -12.11 -0.54
CA ARG A 409 21.74 -13.26 -1.22
C ARG A 409 21.57 -14.41 -0.21
N GLU A 410 22.50 -14.56 0.72
CA GLU A 410 22.39 -15.65 1.75
C GLU A 410 21.17 -15.39 2.64
N GLY A 411 20.97 -14.16 3.10
CA GLY A 411 19.83 -13.81 3.96
C GLY A 411 18.52 -14.03 3.21
N VAL A 412 18.48 -13.61 1.94
CA VAL A 412 17.26 -13.82 1.10
C VAL A 412 16.98 -15.32 0.95
N ALA A 413 17.98 -16.11 0.57
CA ALA A 413 17.81 -17.57 0.33
C ALA A 413 17.37 -18.26 1.62
N ALA A 414 17.95 -17.89 2.77
CA ALA A 414 17.62 -18.52 4.08
C ALA A 414 16.16 -18.25 4.44
N ALA A 415 15.67 -17.04 4.17
CA ALA A 415 14.28 -16.66 4.51
C ALA A 415 13.33 -17.43 3.60
N ILE A 416 13.65 -17.50 2.32
CA ILE A 416 12.83 -18.27 1.33
C ILE A 416 12.78 -19.74 1.79
N ARG A 417 13.93 -20.33 2.11
CA ARG A 417 14.00 -21.76 2.53
C ARG A 417 13.08 -21.97 3.73
N ALA A 418 13.19 -21.11 4.76
CA ALA A 418 12.48 -21.28 6.04
C ALA A 418 10.98 -21.19 5.82
N VAL A 419 10.52 -20.26 4.97
CA VAL A 419 9.07 -19.98 4.83
C VAL A 419 8.46 -20.89 3.75
N ALA A 420 9.20 -21.22 2.70
CA ALA A 420 8.63 -21.79 1.45
C ALA A 420 9.14 -23.20 1.14
N VAL A 421 10.29 -23.62 1.66
CA VAL A 421 10.96 -24.87 1.19
C VAL A 421 11.01 -25.93 2.30
N GLU A 422 11.60 -25.61 3.44
CA GLU A 422 11.82 -26.62 4.53
C GLU A 422 10.45 -27.14 4.96
N GLU A 423 10.25 -28.47 4.93
CA GLU A 423 8.92 -29.10 5.08
C GLU A 423 8.26 -28.63 6.38
N GLU A 424 8.95 -28.76 7.52
CA GLU A 424 8.34 -28.56 8.85
C GLU A 424 8.02 -27.07 9.08
N SER A 425 8.99 -26.17 8.90
CA SER A 425 8.80 -24.71 9.15
C SER A 425 7.77 -24.15 8.15
N SER A 426 7.85 -24.55 6.88
CA SER A 426 6.94 -24.01 5.83
C SER A 426 5.50 -24.42 6.18
N LYS A 427 5.29 -25.66 6.62
CA LYS A 427 3.96 -26.17 7.05
C LYS A 427 3.38 -25.27 8.16
N VAL A 428 4.20 -24.90 9.14
CA VAL A 428 3.73 -24.07 10.30
C VAL A 428 3.43 -22.66 9.80
N PHE A 429 4.30 -22.06 8.98
CA PHE A 429 4.05 -20.69 8.45
C PHE A 429 2.73 -20.69 7.67
N GLN A 430 2.50 -21.71 6.85
CA GLN A 430 1.26 -21.86 6.04
C GLN A 430 0.05 -21.91 6.97
N ALA A 431 0.08 -22.73 8.02
CA ALA A 431 -1.04 -22.88 8.98
C ALA A 431 -1.31 -21.55 9.68
N LYS A 432 -0.26 -20.84 10.10
CA LYS A 432 -0.39 -19.55 10.82
C LYS A 432 -0.97 -18.50 9.87
N ALA A 433 -0.55 -18.48 8.60
CA ALA A 433 -1.08 -17.53 7.59
C ALA A 433 -2.58 -17.83 7.36
N LYS A 434 -2.96 -19.11 7.35
CA LYS A 434 -4.38 -19.51 7.16
C LYS A 434 -5.22 -19.02 8.35
N LYS A 435 -4.69 -19.11 9.56
CA LYS A 435 -5.38 -18.58 10.78
C LYS A 435 -5.61 -17.08 10.61
N LEU A 436 -4.63 -16.33 10.13
CA LEU A 436 -4.79 -14.87 9.92
C LEU A 436 -5.81 -14.64 8.79
N GLN A 437 -5.78 -15.44 7.73
CA GLN A 437 -6.73 -15.32 6.60
C GLN A 437 -8.17 -15.35 7.13
N GLU A 438 -8.46 -16.18 8.16
CA GLU A 438 -9.82 -16.28 8.76
C GLU A 438 -10.29 -14.87 9.18
N ILE A 439 -9.38 -14.03 9.69
CA ILE A 439 -9.69 -12.67 10.19
C ILE A 439 -9.65 -11.69 9.01
N VAL A 440 -8.59 -11.74 8.21
CA VAL A 440 -8.34 -10.73 7.16
C VAL A 440 -9.42 -10.82 6.08
N ALA A 441 -9.88 -12.03 5.74
CA ALA A 441 -10.78 -12.27 4.58
C ALA A 441 -12.25 -12.33 5.04
N ASP A 442 -12.53 -11.99 6.31
CA ASP A 442 -13.92 -11.97 6.83
C ASP A 442 -14.60 -10.69 6.32
N MET A 443 -15.12 -10.72 5.09
CA MET A 443 -15.61 -9.52 4.37
C MET A 443 -16.80 -8.92 5.14
N ALA A 444 -17.65 -9.76 5.76
CA ALA A 444 -18.83 -9.29 6.55
C ALA A 444 -18.33 -8.49 7.75
N CYS A 445 -17.33 -9.00 8.46
CA CYS A 445 -16.68 -8.29 9.60
C CYS A 445 -16.19 -6.91 9.14
N HIS A 446 -15.43 -6.85 8.04
CA HIS A 446 -14.79 -5.58 7.58
C HIS A 446 -15.86 -4.64 7.03
N GLU A 447 -16.95 -5.15 6.48
CA GLU A 447 -18.09 -4.29 6.04
C GLU A 447 -18.79 -3.68 7.26
N ARG A 448 -18.94 -4.43 8.36
CA ARG A 448 -19.51 -3.89 9.63
C ARG A 448 -18.61 -2.75 10.14
N TYR A 449 -17.29 -2.86 9.99
CA TYR A 449 -16.37 -1.79 10.43
C TYR A 449 -16.57 -0.54 9.57
N ILE A 450 -16.82 -0.69 8.27
CA ILE A 450 -17.08 0.47 7.39
C ILE A 450 -18.38 1.15 7.85
N ASP A 451 -19.42 0.36 8.15
CA ASP A 451 -20.70 0.90 8.69
C ASP A 451 -20.42 1.69 9.98
N GLY A 452 -19.63 1.13 10.89
CA GLY A 452 -19.23 1.78 12.16
C GLY A 452 -18.50 3.10 11.90
N PHE A 453 -17.62 3.12 10.91
CA PHE A 453 -16.86 4.33 10.52
C PHE A 453 -17.84 5.41 10.07
N ILE A 454 -18.80 5.05 9.22
CA ILE A 454 -19.83 6.01 8.73
C ILE A 454 -20.61 6.57 9.92
N GLN A 455 -20.96 5.73 10.91
CA GLN A 455 -21.68 6.19 12.13
C GLN A 455 -20.81 7.18 12.91
N GLN A 456 -19.49 6.92 13.01
CA GLN A 456 -18.52 7.83 13.66
C GLN A 456 -18.58 9.19 12.97
N LEU A 457 -18.57 9.21 11.63
CA LEU A 457 -18.62 10.46 10.83
C LEU A 457 -19.93 11.20 11.14
N ARG A 458 -21.05 10.50 11.26
CA ARG A 458 -22.34 11.11 11.65
C ARG A 458 -22.24 11.73 13.05
N SER A 459 -21.72 10.98 14.03
CA SER A 459 -21.48 11.44 15.42
C SER A 459 -20.21 12.30 15.48
C1 3E6 B . 10.86 10.93 9.30
C2 3E6 B . 12.21 11.46 9.80
C3 3E6 B . 13.12 11.84 8.63
C4 3E6 B . 13.16 10.76 7.58
C5 3E6 B . 11.76 10.36 7.18
C6 3E6 B . 11.72 9.24 6.16
CAA 3E6 B . 8.62 10.84 12.77
CAB 3E6 B . 8.22 10.10 11.75
CAC 3E6 B . 7.15 9.04 11.77
CAD 3E6 B . 6.99 8.60 10.29
CAE 3E6 B . 8.43 8.78 9.78
CAF 3E6 B . 6.55 7.14 10.21
CAG 3E6 B . 6.16 6.73 8.80
CAH 3E6 B . 4.99 7.59 8.33
CAI 3E6 B . 4.13 7.01 7.16
CAJ 3E6 B . 3.59 5.62 7.56
CAK 3E6 B . 4.94 6.78 5.89
OAM 3E6 B . 4.32 7.21 4.79
OAL 3E6 B . 6.02 6.26 5.88
CAN 3E6 B . 2.92 7.95 6.96
CAO 3E6 B . 3.29 9.41 6.77
CAP 3E6 B . 4.13 9.91 7.93
CAQ 3E6 B . 5.41 9.08 8.19
CAR 3E6 B . 6.38 9.34 7.03
CAS 3E6 B . 5.98 9.54 9.58
CAT 3E6 B . 6.48 11.01 9.63
CAU 3E6 B . 8.00 11.22 9.52
CAV 3E6 B . 8.77 10.18 10.34
O1 3E6 B . 10.16 10.44 10.41
O5 3E6 B . 11.05 9.91 8.34
O6 3E6 B . 12.11 9.79 4.88
O4 3E6 B . 13.86 11.25 6.43
O3 3E6 B . 14.44 12.08 9.12
O2 3E6 B . 11.94 12.62 10.59
CBI 3E6 B . 12.64 12.77 11.81
OBL 3E6 B . 12.23 11.78 12.74
CBM 3E6 B . 12.97 11.84 13.97
CBR 3E6 B . 12.54 10.67 14.80
OBS 3E6 B . 11.12 10.65 14.99
CBN 3E6 B . 12.71 13.19 14.65
OBO 3E6 B . 13.51 13.31 15.83
CBP 3E6 B . 13.03 14.34 13.70
OBQ 3E6 B . 12.65 15.59 14.28
CBJ 3E6 B . 12.34 14.16 12.36
OBK 3E6 B . 12.73 15.15 11.41
C21 3E6 B . 4.01 7.12 2.43
C31 3E6 B . 4.74 7.19 1.10
C41 3E6 B . 5.69 8.37 1.10
C51 3E6 B . 6.68 8.17 2.23
C61 3E6 B . 7.72 9.26 2.34
C11 3E6 B . 5.03 7.09 3.57
O21 3E6 B . 3.19 5.97 2.48
O31 3E6 B . 3.80 7.29 0.03
O41 3E6 B . 6.39 8.47 -0.14
O51 3E6 B . 5.94 8.16 3.47
O61 3E6 B . 8.74 8.89 3.27
C22 3E6 B . 12.12 9.63 2.53
C32 3E6 B . 12.33 8.70 1.34
C42 3E6 B . 13.52 7.78 1.56
C52 3E6 B . 13.42 7.08 2.92
C62 3E6 B . 14.63 6.23 3.23
C12 3E6 B . 12.14 8.85 3.84
O22 3E6 B . 10.88 10.32 2.40
O32 3E6 B . 12.51 9.51 0.18
O42 3E6 B . 13.57 6.79 0.54
O52 3E6 B . 13.32 8.08 3.95
O62 3E6 B . 14.45 5.49 4.43
N1 UDP C . 0.49 -3.12 -6.80
C2 UDP C . 0.04 -3.73 -8.00
N3 UDP C . 0.94 -4.07 -8.92
C4 UDP C . 2.25 -3.84 -8.77
C5 UDP C . 2.72 -3.25 -7.60
C6 UDP C . 1.80 -2.88 -6.62
O2 UDP C . -1.18 -3.95 -8.17
O4 UDP C . 3.05 -4.16 -9.68
C1' UDP C . -0.50 -2.69 -5.79
C2' UDP C . -0.70 -3.65 -4.63
O2' UDP C . -1.72 -4.59 -4.93
C3' UDP C . -1.07 -2.71 -3.50
C4' UDP C . -0.37 -1.42 -3.84
O4' UDP C . -0.05 -1.46 -5.24
O3' UDP C . -2.48 -2.44 -3.41
C5' UDP C . 0.94 -1.23 -3.08
O5' UDP C . 0.64 -0.73 -1.78
PA UDP C . 1.55 -1.13 -0.52
O1A UDP C . 1.73 -2.62 -0.48
O2A UDP C . 0.93 -0.47 0.67
O3A UDP C . 3.02 -0.51 -0.82
PB UDP C . 3.48 0.98 -1.27
O1B UDP C . 3.39 0.98 -2.77
O2B UDP C . 4.89 1.02 -0.76
O3B UDP C . 2.58 1.98 -0.60
S1 MPO D . 29.31 -13.13 -8.41
O1 MPO D . 30.33 -12.31 -8.98
O2 MPO D . 28.08 -13.19 -9.34
O4 MPO D . 25.34 -19.62 -8.43
N1 MPO D . 26.93 -17.25 -8.34
C1 MPO D . 29.91 -14.80 -8.43
O3 MPO D . 28.89 -12.85 -7.06
C2 MPO D . 28.91 -15.79 -7.85
C3 MPO D . 27.93 -16.31 -8.88
C4 MPO D . 27.49 -18.57 -8.09
C5 MPO D . 26.44 -19.49 -7.54
C6 MPO D . 24.77 -18.34 -8.69
C7 MPO D . 25.79 -17.38 -9.26
C1 GOL E . -3.61 -18.46 -3.43
O1 GOL E . -2.92 -19.70 -3.56
C2 GOL E . -5.11 -18.64 -3.44
O2 GOL E . -5.48 -19.57 -4.44
C3 GOL E . -5.66 -19.06 -2.09
O3 GOL E . -6.49 -18.04 -1.53
C1 EDO F . -1.98 1.60 -11.87
O1 EDO F . -2.95 1.29 -12.85
C2 EDO F . -0.63 1.82 -12.44
O2 EDO F . -0.65 2.58 -13.65
C1 EDO G . -25.17 0.06 -5.78
O1 EDO G . -24.22 -0.47 -4.86
C2 EDO G . -25.83 -0.99 -6.58
O2 EDO G . -24.91 -1.82 -7.26
#